data_3AHP
#
_entry.id   3AHP
#
_cell.length_a   134.671
_cell.length_b   134.671
_cell.length_c   128.410
_cell.angle_alpha   90.00
_cell.angle_beta   90.00
_cell.angle_gamma   90.00
#
_symmetry.space_group_name_H-M   'P 41 21 2'
#
loop_
_entity.id
_entity.type
_entity.pdbx_description
1 polymer CutA1
2 water water
#
_entity_poly.entity_id   1
_entity_poly.type   'polypeptide(L)'
_entity_poly.pdbx_seq_one_letter_code
;MYKPEQLLIFTTCPDADIACRIATALVEAKLAACVQIGQAVESIYQWDNNICQSHEVPMQIKCMTTDYPAIEQLVITMHP
YEVPEFIATPIIGGFGPYLQWIKDNSPS
;
_entity_poly.pdbx_strand_id   A,B,C,D,E,F
#
# COMPACT_ATOMS: atom_id res chain seq x y z
N LYS A 3 -13.61 -26.16 -14.59
CA LYS A 3 -12.27 -26.66 -14.18
C LYS A 3 -11.49 -27.25 -15.36
N PRO A 4 -10.29 -26.71 -15.63
CA PRO A 4 -9.61 -26.87 -16.91
C PRO A 4 -9.14 -28.30 -17.22
N GLU A 5 -9.08 -28.65 -18.50
CA GLU A 5 -8.39 -29.87 -18.89
C GLU A 5 -6.88 -29.75 -18.64
N GLN A 6 -6.32 -28.56 -18.81
CA GLN A 6 -4.88 -28.40 -18.73
C GLN A 6 -4.38 -27.28 -17.85
N LEU A 7 -3.15 -27.44 -17.34
CA LEU A 7 -2.56 -26.47 -16.42
C LEU A 7 -1.20 -25.94 -16.87
N LEU A 8 -0.93 -24.70 -16.45
CA LEU A 8 0.41 -24.13 -16.51
C LEU A 8 0.93 -24.00 -15.08
N ILE A 9 2.00 -24.71 -14.76
CA ILE A 9 2.49 -24.75 -13.38
C ILE A 9 3.79 -23.96 -13.27
N PHE A 10 3.85 -23.04 -12.32
CA PHE A 10 5.07 -22.28 -12.06
C PHE A 10 5.81 -22.83 -10.84
N THR A 11 7.12 -22.93 -10.96
CA THR A 11 7.91 -23.42 -9.85
C THR A 11 9.32 -22.90 -9.95
N THR A 12 10.08 -23.14 -8.89
CA THR A 12 11.39 -22.55 -8.76
C THR A 12 12.33 -23.60 -8.19
N CYS A 13 13.52 -23.73 -8.78
CA CYS A 13 14.60 -24.51 -8.17
C CYS A 13 15.78 -23.63 -7.77
N PRO A 14 16.57 -24.07 -6.77
CA PRO A 14 17.69 -23.28 -6.26
C PRO A 14 18.83 -23.12 -7.27
N ASP A 15 19.02 -24.11 -8.13
CA ASP A 15 20.01 -23.94 -9.22
C ASP A 15 19.57 -24.68 -10.51
N ALA A 16 20.25 -24.40 -11.62
CA ALA A 16 19.90 -24.97 -12.92
C ALA A 16 20.02 -26.50 -12.99
N ASP A 17 21.02 -27.05 -12.29
CA ASP A 17 21.25 -28.49 -12.28
C ASP A 17 20.11 -29.25 -11.61
N ILE A 18 19.64 -28.77 -10.47
CA ILE A 18 18.51 -29.45 -9.86
C ILE A 18 17.22 -29.30 -10.66
N ALA A 19 17.07 -28.17 -11.33
CA ALA A 19 15.86 -27.91 -12.11
C ALA A 19 15.82 -28.82 -13.32
N CYS A 20 16.94 -28.89 -14.02
CA CYS A 20 17.05 -29.72 -15.21
C CYS A 20 16.85 -31.21 -14.91
N ARG A 21 17.40 -31.69 -13.80
CA ARG A 21 17.19 -33.07 -13.48
C ARG A 21 15.78 -33.41 -12.95
N ILE A 22 15.11 -32.43 -12.36
CA ILE A 22 13.68 -32.56 -12.10
C ILE A 22 12.79 -32.47 -13.36
N ALA A 23 13.12 -31.58 -14.28
CA ALA A 23 12.40 -31.51 -15.55
C ALA A 23 12.49 -32.83 -16.31
N THR A 24 13.68 -33.44 -16.31
CA THR A 24 13.92 -34.65 -17.09
C THR A 24 13.12 -35.82 -16.54
N ALA A 25 13.06 -35.91 -15.23
CA ALA A 25 12.26 -36.89 -14.59
C ALA A 25 10.83 -36.75 -14.98
N LEU A 26 10.34 -35.55 -14.97
CA LEU A 26 8.93 -35.32 -15.10
C LEU A 26 8.55 -35.59 -16.53
N VAL A 27 9.50 -35.51 -17.43
CA VAL A 27 9.18 -35.74 -18.79
C VAL A 27 9.48 -37.13 -19.28
N GLU A 28 10.47 -37.77 -18.69
CA GLU A 28 10.68 -39.22 -18.77
C GLU A 28 9.46 -39.98 -18.26
N ALA A 29 8.82 -39.44 -17.24
CA ALA A 29 7.67 -40.09 -16.64
C ALA A 29 6.39 -39.76 -17.42
N LYS A 30 6.55 -38.96 -18.49
CA LYS A 30 5.43 -38.52 -19.31
C LYS A 30 4.35 -37.80 -18.49
N LEU A 31 4.79 -37.06 -17.47
CA LEU A 31 3.86 -36.38 -16.58
C LEU A 31 3.74 -34.93 -17.05
N ALA A 32 4.81 -34.42 -17.64
CA ALA A 32 4.71 -33.17 -18.34
C ALA A 32 5.16 -33.33 -19.79
N ALA A 33 4.43 -32.66 -20.67
CA ALA A 33 4.69 -32.67 -22.10
C ALA A 33 5.94 -31.86 -22.38
N CYS A 34 6.05 -30.75 -21.66
CA CYS A 34 7.13 -29.83 -21.83
C CYS A 34 7.39 -29.09 -20.51
N VAL A 35 8.66 -28.94 -20.19
CA VAL A 35 9.08 -28.12 -19.08
C VAL A 35 10.02 -27.04 -19.58
N GLN A 36 9.73 -25.80 -19.22
CA GLN A 36 10.57 -24.67 -19.60
C GLN A 36 11.40 -24.24 -18.39
N ILE A 37 12.70 -24.17 -18.57
CA ILE A 37 13.56 -23.66 -17.53
C ILE A 37 14.11 -22.33 -17.93
N GLY A 38 13.86 -21.31 -17.11
CA GLY A 38 14.29 -19.97 -17.41
C GLY A 38 15.67 -19.75 -16.85
N GLN A 39 16.27 -18.63 -17.22
CA GLN A 39 17.49 -18.20 -16.62
C GLN A 39 17.16 -17.52 -15.33
N ALA A 40 18.16 -17.33 -14.51
CA ALA A 40 17.98 -17.00 -13.10
C ALA A 40 17.14 -15.74 -12.82
N VAL A 41 16.71 -15.69 -11.59
CA VAL A 41 15.53 -14.97 -11.22
C VAL A 41 15.79 -14.66 -9.76
N GLU A 42 15.46 -13.44 -9.35
CA GLU A 42 15.64 -13.06 -7.96
C GLU A 42 14.30 -13.18 -7.22
N SER A 43 14.25 -14.07 -6.25
CA SER A 43 13.07 -14.18 -5.41
C SER A 43 13.25 -13.39 -4.12
N ILE A 44 12.25 -12.60 -3.77
CA ILE A 44 12.30 -11.78 -2.56
C ILE A 44 11.12 -12.14 -1.67
N TYR A 45 11.42 -12.47 -0.42
CA TYR A 45 10.46 -13.09 0.50
C TYR A 45 10.88 -12.87 1.96
N GLN A 46 9.96 -13.12 2.89
CA GLN A 46 10.22 -12.92 4.32
C GLN A 46 10.29 -14.28 5.03
N TRP A 47 11.36 -14.52 5.80
CA TRP A 47 11.59 -15.82 6.46
C TRP A 47 11.69 -15.78 7.98
N ASP A 48 12.50 -14.87 8.51
CA ASP A 48 12.65 -14.73 9.96
C ASP A 48 11.92 -13.47 10.45
N ASN A 49 10.89 -13.06 9.73
CA ASN A 49 10.46 -11.66 9.80
C ASN A 49 11.58 -10.75 9.25
N ASN A 50 12.48 -11.37 8.48
CA ASN A 50 13.56 -10.66 7.76
C ASN A 50 13.46 -10.82 6.23
N ILE A 51 14.03 -9.86 5.50
CA ILE A 51 13.90 -9.79 4.05
C ILE A 51 15.01 -10.59 3.37
N CYS A 52 14.65 -11.61 2.61
CA CYS A 52 15.64 -12.50 1.99
C CYS A 52 15.69 -12.40 0.48
N GLN A 53 16.81 -12.82 -0.07
CA GLN A 53 17.09 -12.70 -1.49
C GLN A 53 17.82 -13.96 -1.96
N SER A 54 17.08 -14.89 -2.55
CA SER A 54 17.66 -16.06 -3.21
C SER A 54 17.72 -15.96 -4.73
N HIS A 55 18.79 -16.47 -5.32
CA HIS A 55 18.85 -16.74 -6.77
C HIS A 55 18.40 -18.17 -7.11
N GLU A 56 17.49 -18.28 -8.05
CA GLU A 56 16.75 -19.47 -8.34
C GLU A 56 16.53 -19.59 -9.81
N VAL A 57 16.22 -20.76 -10.32
CA VAL A 57 15.74 -20.86 -11.68
C VAL A 57 14.30 -21.25 -11.80
N PRO A 58 13.61 -20.56 -12.67
CA PRO A 58 12.19 -20.71 -12.71
C PRO A 58 11.83 -21.80 -13.67
N MET A 59 10.74 -22.45 -13.39
CA MET A 59 10.28 -23.52 -14.26
C MET A 59 8.82 -23.32 -14.61
N GLN A 60 8.50 -23.63 -15.87
CA GLN A 60 7.11 -23.76 -16.30
C GLN A 60 6.82 -25.15 -16.82
N ILE A 61 5.74 -25.74 -16.33
CA ILE A 61 5.37 -27.10 -16.67
C ILE A 61 4.01 -27.08 -17.33
N LYS A 62 3.94 -27.65 -18.52
CA LYS A 62 2.68 -27.79 -19.23
C LYS A 62 2.22 -29.24 -19.17
N CYS A 63 0.99 -29.43 -18.75
CA CYS A 63 0.57 -30.73 -18.30
C CYS A 63 -0.96 -30.83 -18.27
N MET A 64 -1.45 -32.05 -18.16
CA MET A 64 -2.88 -32.29 -17.96
C MET A 64 -3.21 -32.18 -16.47
N THR A 65 -4.31 -31.50 -16.16
CA THR A 65 -4.79 -31.36 -14.78
C THR A 65 -4.83 -32.71 -14.09
N THR A 66 -5.28 -33.69 -14.84
CA THR A 66 -5.44 -35.02 -14.33
C THR A 66 -4.13 -35.63 -13.77
N ASP A 67 -2.98 -35.30 -14.37
CA ASP A 67 -1.69 -35.70 -13.84
C ASP A 67 -1.12 -34.85 -12.68
N TYR A 68 -1.87 -33.84 -12.24
CA TYR A 68 -1.32 -32.86 -11.29
C TYR A 68 -0.76 -33.46 -9.97
N PRO A 69 -1.53 -34.37 -9.35
CA PRO A 69 -1.03 -34.87 -8.06
C PRO A 69 0.36 -35.54 -8.17
N ALA A 70 0.65 -36.15 -9.31
CA ALA A 70 1.89 -36.89 -9.45
C ALA A 70 3.01 -35.92 -9.73
N ILE A 71 2.72 -34.94 -10.57
CA ILE A 71 3.64 -33.86 -10.86
C ILE A 71 3.98 -33.11 -9.58
N GLU A 72 2.95 -32.78 -8.81
CA GLU A 72 3.20 -32.22 -7.51
C GLU A 72 4.18 -33.04 -6.66
N GLN A 73 3.85 -34.27 -6.31
CA GLN A 73 4.70 -35.09 -5.52
C GLN A 73 6.07 -35.28 -6.10
N LEU A 74 6.18 -35.41 -7.40
CA LEU A 74 7.45 -35.69 -7.94
C LEU A 74 8.38 -34.56 -7.71
N VAL A 75 7.88 -33.38 -8.00
CA VAL A 75 8.64 -32.18 -7.92
C VAL A 75 8.96 -31.88 -6.49
N ILE A 76 8.04 -32.11 -5.59
CA ILE A 76 8.20 -31.73 -4.21
C ILE A 76 9.13 -32.61 -3.37
N THR A 77 8.98 -33.90 -3.50
CA THR A 77 9.95 -34.89 -3.05
C THR A 77 11.38 -34.67 -3.59
N MET A 78 11.51 -34.39 -4.88
CA MET A 78 12.84 -34.16 -5.45
C MET A 78 13.42 -32.81 -5.08
N HIS A 79 12.54 -31.86 -4.73
CA HIS A 79 13.00 -30.52 -4.40
C HIS A 79 13.66 -30.52 -3.02
N PRO A 80 14.82 -29.83 -2.91
CA PRO A 80 15.56 -29.75 -1.64
C PRO A 80 14.84 -29.01 -0.50
N TYR A 81 14.01 -28.01 -0.81
CA TYR A 81 13.27 -27.27 0.23
C TYR A 81 12.05 -28.05 0.72
N GLU A 82 11.72 -27.83 1.99
CA GLU A 82 10.54 -28.40 2.60
C GLU A 82 9.27 -27.94 1.93
N VAL A 83 9.15 -26.63 1.72
CA VAL A 83 7.96 -26.09 1.07
C VAL A 83 8.25 -25.12 -0.05
N PRO A 84 8.50 -25.66 -1.26
CA PRO A 84 8.97 -24.89 -2.39
C PRO A 84 7.81 -24.19 -3.08
N GLU A 85 8.12 -23.26 -3.98
CA GLU A 85 7.08 -22.57 -4.71
C GLU A 85 6.54 -23.47 -5.81
N PHE A 86 5.24 -23.64 -5.82
CA PHE A 86 4.61 -24.55 -6.75
C PHE A 86 3.15 -24.11 -6.89
N ILE A 87 2.80 -23.53 -8.03
CA ILE A 87 1.46 -23.00 -8.19
C ILE A 87 0.85 -23.35 -9.54
N ALA A 88 -0.45 -23.61 -9.53
CA ALA A 88 -1.15 -23.96 -10.75
C ALA A 88 -1.96 -22.80 -11.33
N THR A 89 -1.88 -22.69 -12.65
CA THR A 89 -2.64 -21.71 -13.42
C THR A 89 -3.43 -22.41 -14.56
N PRO A 90 -4.65 -21.95 -14.83
CA PRO A 90 -5.46 -22.60 -15.86
C PRO A 90 -4.95 -22.31 -17.27
N ILE A 91 -4.89 -23.33 -18.10
CA ILE A 91 -4.89 -23.11 -19.53
C ILE A 91 -6.32 -23.16 -20.03
N ILE A 92 -6.74 -22.16 -20.78
CA ILE A 92 -8.10 -22.10 -21.29
C ILE A 92 -8.14 -21.91 -22.79
N GLY A 93 -6.99 -21.97 -23.45
CA GLY A 93 -6.99 -21.98 -24.88
C GLY A 93 -5.60 -22.22 -25.37
N GLY A 94 -5.47 -22.43 -26.67
CA GLY A 94 -4.18 -22.51 -27.31
C GLY A 94 -4.41 -23.03 -28.71
N PHE A 95 -3.35 -23.19 -29.48
CA PHE A 95 -3.43 -23.88 -30.75
C PHE A 95 -3.83 -25.35 -30.55
N GLY A 96 -4.93 -25.75 -31.17
CA GLY A 96 -5.46 -27.11 -30.97
C GLY A 96 -4.46 -28.27 -31.03
N PRO A 97 -3.70 -28.36 -32.14
CA PRO A 97 -2.68 -29.42 -32.24
C PRO A 97 -1.65 -29.41 -31.10
N TYR A 98 -1.34 -28.24 -30.55
CA TYR A 98 -0.47 -28.17 -29.38
C TYR A 98 -1.10 -28.68 -28.09
N LEU A 99 -2.35 -28.26 -27.83
CA LEU A 99 -3.13 -28.78 -26.71
C LEU A 99 -3.31 -30.28 -26.86
N GLN A 100 -3.55 -30.73 -28.10
CA GLN A 100 -3.72 -32.17 -28.37
C GLN A 100 -2.44 -32.96 -28.09
N TRP A 101 -1.29 -32.35 -28.36
CA TRP A 101 -0.02 -33.04 -28.17
C TRP A 101 0.30 -33.18 -26.69
N ILE A 102 -0.14 -32.21 -25.89
CA ILE A 102 -0.12 -32.33 -24.43
C ILE A 102 -1.00 -33.47 -23.94
N LYS A 103 -2.23 -33.53 -24.42
CA LYS A 103 -3.20 -34.58 -24.06
C LYS A 103 -2.68 -35.98 -24.41
N ASP A 104 -2.13 -36.12 -25.62
CA ASP A 104 -1.79 -37.42 -26.19
C ASP A 104 -0.68 -38.12 -25.43
N ASN A 105 -0.10 -37.42 -24.49
CA ASN A 105 1.27 -37.59 -24.23
C ASN A 105 1.32 -38.05 -22.84
N SER A 106 0.31 -37.70 -22.09
CA SER A 106 -0.09 -38.50 -20.99
C SER A 106 -0.95 -39.66 -21.39
N PRO A 107 -0.51 -40.78 -20.92
CA PRO A 107 -1.34 -41.99 -20.90
C PRO A 107 -2.43 -41.90 -19.84
N SER A 108 -2.17 -41.08 -18.82
CA SER A 108 -2.97 -40.97 -17.57
C SER A 108 -2.15 -41.44 -16.35
N TYR B 2 -14.23 -17.14 -12.42
CA TYR B 2 -13.30 -17.49 -11.31
C TYR B 2 -13.40 -16.48 -10.17
N LYS B 3 -13.32 -16.94 -8.93
CA LYS B 3 -12.96 -16.08 -7.79
C LYS B 3 -12.00 -16.76 -6.80
N PRO B 4 -10.70 -16.82 -7.16
CA PRO B 4 -9.66 -17.55 -6.42
C PRO B 4 -9.26 -16.92 -5.05
N GLU B 5 -8.70 -17.74 -4.16
CA GLU B 5 -8.14 -17.25 -2.89
C GLU B 5 -6.93 -16.38 -3.20
N GLN B 6 -6.17 -16.82 -4.19
CA GLN B 6 -4.84 -16.29 -4.41
C GLN B 6 -4.62 -15.94 -5.87
N LEU B 7 -3.78 -14.92 -6.09
CA LEU B 7 -3.45 -14.50 -7.44
C LEU B 7 -1.98 -14.65 -7.77
N LEU B 8 -1.71 -14.85 -9.06
CA LEU B 8 -0.42 -14.53 -9.64
C LEU B 8 -0.51 -13.25 -10.45
N ILE B 9 0.28 -12.26 -10.06
CA ILE B 9 0.31 -10.95 -10.73
C ILE B 9 1.57 -10.79 -11.56
N PHE B 10 1.39 -10.33 -12.80
CA PHE B 10 2.53 -10.02 -13.66
C PHE B 10 2.64 -8.53 -13.80
N THR B 11 3.86 -8.02 -13.77
CA THR B 11 4.09 -6.61 -13.97
C THR B 11 5.53 -6.40 -14.39
N THR B 12 5.95 -5.15 -14.50
CA THR B 12 7.13 -4.82 -15.27
C THR B 12 7.67 -3.53 -14.72
N CYS B 13 8.97 -3.39 -14.59
CA CYS B 13 9.58 -2.12 -14.19
C CYS B 13 10.63 -1.71 -15.20
N PRO B 14 10.89 -0.39 -15.32
CA PRO B 14 11.83 0.12 -16.33
C PRO B 14 13.27 -0.29 -16.08
N ASP B 15 13.61 -0.65 -14.85
CA ASP B 15 14.87 -1.29 -14.58
C ASP B 15 14.83 -2.05 -13.26
N ALA B 16 15.93 -2.70 -12.91
CA ALA B 16 15.97 -3.66 -11.81
C ALA B 16 15.96 -2.98 -10.45
N ASP B 17 16.57 -1.80 -10.35
CA ASP B 17 16.58 -1.05 -9.09
C ASP B 17 15.16 -0.70 -8.64
N ILE B 18 14.36 -0.24 -9.58
CA ILE B 18 12.98 0.03 -9.30
C ILE B 18 12.24 -1.25 -8.89
N ALA B 19 12.48 -2.34 -9.61
CA ALA B 19 11.81 -3.61 -9.31
C ALA B 19 12.12 -4.03 -7.88
N CYS B 20 13.39 -3.90 -7.53
CA CYS B 20 13.85 -4.20 -6.21
C CYS B 20 13.20 -3.34 -5.13
N ARG B 21 13.11 -2.05 -5.39
CA ARG B 21 12.50 -1.13 -4.47
C ARG B 21 11.02 -1.48 -4.24
N ILE B 22 10.27 -1.69 -5.31
CA ILE B 22 8.89 -2.11 -5.21
C ILE B 22 8.74 -3.50 -4.60
N ALA B 23 9.50 -4.47 -5.08
CA ALA B 23 9.56 -5.79 -4.39
C ALA B 23 9.73 -5.70 -2.86
N THR B 24 10.78 -4.99 -2.43
CA THR B 24 11.07 -4.80 -1.01
C THR B 24 9.87 -4.20 -0.25
N ALA B 25 9.29 -3.14 -0.79
CA ALA B 25 8.14 -2.54 -0.17
C ALA B 25 7.04 -3.59 0.00
N LEU B 26 6.68 -4.22 -1.11
CA LEU B 26 5.67 -5.25 -1.14
C LEU B 26 5.93 -6.29 -0.05
N VAL B 27 7.16 -6.75 0.03
CA VAL B 27 7.48 -7.78 0.98
C VAL B 27 7.53 -7.29 2.42
N GLU B 28 8.17 -6.15 2.67
CA GLU B 28 8.09 -5.59 4.01
C GLU B 28 6.77 -5.06 4.54
N ALA B 29 5.83 -4.78 3.65
CA ALA B 29 4.46 -4.46 4.04
C ALA B 29 3.67 -5.71 4.29
N LYS B 30 4.30 -6.85 4.00
CA LYS B 30 3.64 -8.15 4.04
C LYS B 30 2.36 -8.17 3.18
N LEU B 31 2.42 -7.54 2.00
CA LEU B 31 1.31 -7.63 1.07
C LEU B 31 1.48 -8.81 0.11
N ALA B 32 2.73 -9.13 -0.19
CA ALA B 32 3.03 -10.26 -1.00
C ALA B 32 3.99 -11.11 -0.20
N ALA B 33 3.73 -12.41 -0.16
CA ALA B 33 4.61 -13.34 0.53
C ALA B 33 5.92 -13.40 -0.19
N CYS B 34 5.84 -13.36 -1.52
CA CYS B 34 7.01 -13.51 -2.37
C CYS B 34 6.89 -12.79 -3.71
N VAL B 35 8.03 -12.25 -4.15
CA VAL B 35 8.11 -11.52 -5.39
C VAL B 35 9.34 -11.93 -6.18
N GLN B 36 9.15 -12.14 -7.47
CA GLN B 36 10.19 -12.65 -8.35
C GLN B 36 10.53 -11.59 -9.38
N ILE B 37 11.80 -11.24 -9.44
CA ILE B 37 12.29 -10.32 -10.44
C ILE B 37 13.16 -11.09 -11.42
N GLY B 38 12.70 -11.18 -12.67
CA GLY B 38 13.49 -11.82 -13.72
C GLY B 38 14.55 -10.90 -14.31
N GLN B 39 15.40 -11.48 -15.14
CA GLN B 39 16.35 -10.72 -15.93
C GLN B 39 15.69 -10.03 -17.11
N ALA B 40 16.30 -9.01 -17.66
CA ALA B 40 15.62 -8.16 -18.57
C ALA B 40 14.80 -8.86 -19.61
N VAL B 41 13.70 -8.23 -20.01
CA VAL B 41 12.91 -8.64 -21.14
C VAL B 41 12.73 -7.48 -22.10
N GLU B 42 12.35 -7.76 -23.32
CA GLU B 42 12.09 -6.74 -24.29
C GLU B 42 10.64 -6.57 -24.52
N SER B 43 10.14 -5.39 -24.23
CA SER B 43 8.73 -5.11 -24.41
C SER B 43 8.49 -4.35 -25.72
N ILE B 44 7.58 -4.88 -26.53
CA ILE B 44 7.25 -4.29 -27.78
C ILE B 44 5.80 -3.81 -27.73
N TYR B 45 5.61 -2.54 -28.10
CA TYR B 45 4.33 -1.84 -27.95
C TYR B 45 4.35 -0.55 -28.78
N GLN B 46 3.16 -0.02 -29.07
CA GLN B 46 3.05 1.20 -29.86
C GLN B 46 2.90 2.41 -28.96
N TRP B 47 3.59 3.48 -29.29
CA TRP B 47 3.36 4.76 -28.67
C TRP B 47 3.46 5.90 -29.69
N ASP B 48 2.42 6.70 -29.81
CA ASP B 48 2.35 7.78 -30.80
C ASP B 48 2.48 7.17 -32.18
N ASN B 49 1.94 5.97 -32.30
CA ASN B 49 2.00 5.17 -33.51
C ASN B 49 3.35 5.05 -34.13
N ASN B 50 4.37 5.02 -33.30
CA ASN B 50 5.60 4.35 -33.59
C ASN B 50 5.71 3.07 -32.85
N ILE B 51 6.58 2.23 -33.32
CA ILE B 51 6.84 0.93 -32.76
C ILE B 51 8.03 1.02 -31.81
N CYS B 52 7.77 0.79 -30.53
CA CYS B 52 8.77 0.99 -29.51
C CYS B 52 9.18 -0.33 -28.89
N GLN B 53 10.43 -0.39 -28.43
CA GLN B 53 10.92 -1.50 -27.63
C GLN B 53 11.75 -0.96 -26.48
N SER B 54 11.22 -1.09 -25.27
CA SER B 54 12.02 -0.88 -24.08
C SER B 54 12.46 -2.15 -23.38
N HIS B 55 13.64 -2.08 -22.74
CA HIS B 55 14.15 -3.14 -21.91
C HIS B 55 13.69 -2.95 -20.46
N GLU B 56 13.15 -3.99 -19.88
CA GLU B 56 12.34 -3.84 -18.73
C GLU B 56 12.57 -4.98 -17.84
N VAL B 57 12.25 -4.78 -16.60
CA VAL B 57 12.43 -5.84 -15.67
C VAL B 57 11.13 -6.46 -15.19
N PRO B 58 10.96 -7.74 -15.44
CA PRO B 58 9.71 -8.43 -15.21
C PRO B 58 9.49 -8.86 -13.78
N MET B 59 8.26 -8.81 -13.29
CA MET B 59 7.98 -9.22 -11.90
C MET B 59 6.81 -10.19 -11.81
N GLN B 60 6.96 -11.25 -11.02
CA GLN B 60 5.81 -12.05 -10.58
C GLN B 60 5.52 -11.82 -9.10
N ILE B 61 4.26 -11.50 -8.79
CA ILE B 61 3.83 -11.32 -7.39
C ILE B 61 2.87 -12.43 -6.97
N LYS B 62 3.17 -13.10 -5.86
CA LYS B 62 2.25 -14.09 -5.37
C LYS B 62 1.60 -13.64 -4.09
N CYS B 63 0.27 -13.66 -4.07
CA CYS B 63 -0.48 -12.99 -3.04
C CYS B 63 -1.88 -13.53 -2.85
N MET B 64 -2.51 -13.10 -1.75
CA MET B 64 -3.95 -13.28 -1.53
C MET B 64 -4.80 -12.27 -2.29
N THR B 65 -5.83 -12.75 -2.94
CA THR B 65 -6.70 -11.88 -3.70
C THR B 65 -7.16 -10.76 -2.79
N THR B 66 -7.18 -11.05 -1.52
CA THR B 66 -7.74 -10.14 -0.54
C THR B 66 -6.86 -8.88 -0.38
N ASP B 67 -5.54 -9.06 -0.47
CA ASP B 67 -4.61 -7.95 -0.42
C ASP B 67 -4.58 -7.18 -1.72
N TYR B 68 -5.24 -7.67 -2.76
CA TYR B 68 -5.00 -7.15 -4.10
C TYR B 68 -5.08 -5.62 -4.18
N PRO B 69 -6.17 -5.03 -3.64
CA PRO B 69 -6.34 -3.58 -3.82
C PRO B 69 -5.17 -2.74 -3.28
N ALA B 70 -4.54 -3.21 -2.21
CA ALA B 70 -3.39 -2.51 -1.65
C ALA B 70 -2.11 -2.72 -2.47
N ILE B 71 -1.94 -3.92 -3.03
CA ILE B 71 -0.82 -4.21 -3.91
C ILE B 71 -0.86 -3.35 -5.18
N GLU B 72 -2.01 -3.34 -5.84
CA GLU B 72 -2.18 -2.46 -6.97
C GLU B 72 -1.88 -1.01 -6.62
N GLN B 73 -2.50 -0.53 -5.54
CA GLN B 73 -2.28 0.81 -5.07
C GLN B 73 -0.81 1.10 -4.84
N LEU B 74 -0.12 0.25 -4.09
CA LEU B 74 1.30 0.41 -3.85
C LEU B 74 2.13 0.36 -5.15
N VAL B 75 1.92 -0.68 -5.96
CA VAL B 75 2.77 -0.86 -7.13
C VAL B 75 2.55 0.29 -8.10
N ILE B 76 1.29 0.59 -8.41
CA ILE B 76 0.96 1.61 -9.39
C ILE B 76 1.57 2.96 -8.99
N THR B 77 1.43 3.35 -7.72
CA THR B 77 2.00 4.61 -7.27
C THR B 77 3.52 4.72 -7.17
N MET B 78 4.19 3.61 -6.89
CA MET B 78 5.65 3.58 -6.91
C MET B 78 6.24 3.54 -8.30
N HIS B 79 5.50 2.99 -9.25
CA HIS B 79 5.94 2.91 -10.62
C HIS B 79 6.03 4.29 -11.26
N PRO B 80 7.02 4.50 -12.14
CA PRO B 80 7.20 5.83 -12.70
C PRO B 80 6.21 6.18 -13.80
N TYR B 81 5.66 5.17 -14.49
CA TYR B 81 4.68 5.41 -15.54
C TYR B 81 3.24 5.51 -14.99
N GLU B 82 2.42 6.36 -15.62
CA GLU B 82 1.05 6.55 -15.22
C GLU B 82 0.27 5.25 -15.30
N VAL B 83 0.58 4.45 -16.32
CA VAL B 83 -0.19 3.25 -16.65
C VAL B 83 0.75 2.04 -16.80
N PRO B 84 1.29 1.54 -15.67
CA PRO B 84 2.19 0.39 -15.71
C PRO B 84 1.48 -0.88 -16.19
N GLU B 85 2.22 -1.79 -16.82
CA GLU B 85 1.68 -3.13 -17.02
C GLU B 85 1.43 -3.77 -15.66
N PHE B 86 0.23 -4.30 -15.46
CA PHE B 86 -0.12 -4.88 -14.19
C PHE B 86 -1.34 -5.75 -14.35
N ILE B 87 -1.12 -7.06 -14.46
CA ILE B 87 -2.23 -7.98 -14.63
C ILE B 87 -2.19 -9.15 -13.65
N ALA B 88 -3.38 -9.62 -13.31
CA ALA B 88 -3.54 -10.76 -12.44
C ALA B 88 -4.08 -11.94 -13.22
N THR B 89 -3.53 -13.12 -12.94
CA THR B 89 -4.12 -14.39 -13.32
C THR B 89 -4.44 -15.25 -12.09
N PRO B 90 -5.44 -16.14 -12.19
CA PRO B 90 -5.88 -16.88 -11.00
C PRO B 90 -4.99 -18.09 -10.71
N ILE B 91 -4.61 -18.25 -9.44
CA ILE B 91 -4.03 -19.50 -8.99
C ILE B 91 -5.16 -20.44 -8.59
N ILE B 92 -5.29 -21.58 -9.25
CA ILE B 92 -6.33 -22.53 -8.89
C ILE B 92 -5.80 -23.78 -8.19
N GLY B 93 -4.51 -23.81 -7.87
CA GLY B 93 -3.92 -25.00 -7.30
C GLY B 93 -2.49 -24.77 -6.89
N GLY B 94 -1.96 -25.68 -6.08
CA GLY B 94 -0.54 -25.83 -5.90
C GLY B 94 -0.23 -26.57 -4.62
N PHE B 95 1.05 -26.61 -4.26
CA PHE B 95 1.44 -27.26 -3.02
C PHE B 95 0.75 -26.62 -1.83
N GLY B 96 -0.19 -27.36 -1.23
CA GLY B 96 -0.92 -26.92 -0.05
C GLY B 96 -0.17 -26.08 0.97
N PRO B 97 1.00 -26.55 1.43
CA PRO B 97 1.77 -25.83 2.45
C PRO B 97 2.40 -24.53 1.95
N TYR B 98 2.65 -24.42 0.65
CA TYR B 98 3.02 -23.16 0.05
C TYR B 98 1.89 -22.17 0.00
N LEU B 99 0.71 -22.62 -0.26
CA LEU B 99 -0.38 -21.73 -0.37
C LEU B 99 -0.81 -21.22 0.98
N GLN B 100 -0.81 -22.10 1.94
CA GLN B 100 -0.82 -21.77 3.33
C GLN B 100 0.14 -20.68 3.70
N TRP B 101 1.40 -20.84 3.37
CA TRP B 101 2.42 -19.87 3.74
C TRP B 101 2.09 -18.48 3.24
N ILE B 102 1.66 -18.41 1.98
CA ILE B 102 1.07 -17.21 1.41
C ILE B 102 -0.08 -16.70 2.24
N LYS B 103 -0.98 -17.60 2.59
CA LYS B 103 -2.15 -17.27 3.43
C LYS B 103 -1.75 -16.74 4.82
N ASP B 104 -0.68 -17.29 5.38
CA ASP B 104 -0.27 -16.97 6.74
C ASP B 104 0.60 -15.73 6.85
N ASN B 105 1.16 -15.30 5.74
CA ASN B 105 2.10 -14.18 5.74
C ASN B 105 1.40 -12.84 5.57
N SER B 106 0.13 -12.89 5.24
CA SER B 106 -0.69 -11.70 5.22
C SER B 106 -1.43 -11.53 6.56
N PRO B 107 -0.99 -10.55 7.38
CA PRO B 107 -1.58 -10.35 8.73
C PRO B 107 -3.08 -10.13 8.65
N SER B 108 -3.80 -10.58 9.68
CA SER B 108 -5.24 -10.80 9.56
C SER B 108 -6.05 -9.72 10.29
N TYR C 2 -13.91 -18.73 -19.21
CA TYR C 2 -15.21 -19.06 -18.58
C TYR C 2 -15.97 -17.82 -18.09
N LYS C 3 -15.96 -16.74 -18.89
CA LYS C 3 -15.00 -16.58 -19.99
C LYS C 3 -14.43 -15.16 -19.98
N PRO C 4 -13.09 -15.03 -19.89
CA PRO C 4 -12.45 -13.75 -19.61
C PRO C 4 -12.40 -12.81 -20.83
N GLU C 5 -12.44 -11.51 -20.56
CA GLU C 5 -12.38 -10.47 -21.58
C GLU C 5 -10.96 -10.40 -22.18
N GLN C 6 -9.95 -10.73 -21.40
CA GLN C 6 -8.59 -10.66 -21.88
C GLN C 6 -7.69 -11.84 -21.51
N LEU C 7 -6.65 -12.05 -22.30
CA LEU C 7 -5.88 -13.27 -22.29
C LEU C 7 -4.41 -12.96 -22.19
N LEU C 8 -3.70 -13.77 -21.41
CA LEU C 8 -2.24 -13.86 -21.42
C LEU C 8 -1.78 -15.07 -22.24
N ILE C 9 -1.12 -14.83 -23.37
CA ILE C 9 -0.69 -15.94 -24.21
C ILE C 9 0.79 -16.18 -23.99
N PHE C 10 1.20 -17.44 -23.84
CA PHE C 10 2.60 -17.80 -23.85
C PHE C 10 3.00 -18.56 -25.14
N THR C 11 4.16 -18.27 -25.68
CA THR C 11 4.73 -19.08 -26.73
C THR C 11 6.22 -19.02 -26.65
N THR C 12 6.84 -19.71 -27.60
CA THR C 12 8.25 -19.69 -27.76
C THR C 12 8.51 -19.59 -29.26
N CYS C 13 9.62 -18.96 -29.62
CA CYS C 13 10.20 -19.09 -30.95
C CYS C 13 11.58 -19.73 -30.86
N PRO C 14 12.07 -20.26 -31.95
CA PRO C 14 13.36 -20.92 -31.96
C PRO C 14 14.53 -20.03 -31.64
N ASP C 15 14.29 -18.77 -31.44
CA ASP C 15 15.13 -17.78 -32.01
C ASP C 15 14.56 -16.49 -31.61
N ALA C 16 15.41 -15.53 -31.35
CA ALA C 16 14.98 -14.21 -30.93
C ALA C 16 14.75 -13.26 -32.06
N ASP C 17 15.33 -13.51 -33.21
CA ASP C 17 14.97 -12.74 -34.41
C ASP C 17 13.58 -13.07 -34.93
N ILE C 18 13.26 -14.37 -34.93
CA ILE C 18 11.94 -14.83 -35.29
C ILE C 18 10.90 -14.29 -34.29
N ALA C 19 11.27 -14.28 -33.01
CA ALA C 19 10.39 -13.78 -31.97
C ALA C 19 10.09 -12.31 -32.18
N CYS C 20 11.15 -11.57 -32.50
CA CYS C 20 11.05 -10.16 -32.81
C CYS C 20 10.16 -9.88 -34.04
N ARG C 21 10.32 -10.68 -35.10
CA ARG C 21 9.52 -10.43 -36.30
C ARG C 21 8.05 -10.61 -35.99
N ILE C 22 7.71 -11.73 -35.35
CA ILE C 22 6.33 -12.03 -35.00
C ILE C 22 5.80 -11.00 -34.02
N ALA C 23 6.60 -10.70 -32.99
CA ALA C 23 6.27 -9.62 -32.09
C ALA C 23 5.87 -8.34 -32.81
N THR C 24 6.72 -7.82 -33.67
CA THR C 24 6.41 -6.54 -34.30
C THR C 24 5.24 -6.61 -35.27
N ALA C 25 5.16 -7.64 -36.06
CA ALA C 25 3.97 -7.86 -36.83
C ALA C 25 2.71 -7.71 -36.01
N LEU C 26 2.74 -8.20 -34.81
CA LEU C 26 1.57 -8.38 -34.02
C LEU C 26 1.22 -7.09 -33.36
N VAL C 27 2.22 -6.29 -33.07
CA VAL C 27 2.02 -4.92 -32.70
C VAL C 27 1.74 -3.85 -33.69
N GLU C 28 2.35 -3.89 -34.85
CA GLU C 28 1.96 -3.04 -35.97
C GLU C 28 0.46 -3.22 -36.32
N ALA C 29 0.01 -4.47 -36.34
CA ALA C 29 -1.35 -4.77 -36.73
C ALA C 29 -2.33 -4.41 -35.63
N LYS C 30 -1.79 -4.05 -34.47
CA LYS C 30 -2.60 -3.72 -33.30
C LYS C 30 -3.46 -4.90 -32.85
N LEU C 31 -3.09 -6.12 -33.25
CA LEU C 31 -3.68 -7.32 -32.69
C LEU C 31 -3.29 -7.56 -31.23
N ALA C 32 -2.10 -7.11 -30.84
CA ALA C 32 -1.72 -7.16 -29.43
C ALA C 32 -1.21 -5.80 -29.00
N ALA C 33 -1.47 -5.47 -27.74
CA ALA C 33 -1.16 -4.15 -27.24
C ALA C 33 0.32 -4.10 -26.89
N CYS C 34 0.80 -5.24 -26.42
CA CYS C 34 2.18 -5.39 -26.04
C CYS C 34 2.59 -6.86 -26.07
N VAL C 35 3.78 -7.11 -26.62
CA VAL C 35 4.43 -8.40 -26.57
C VAL C 35 5.78 -8.29 -25.86
N GLN C 36 6.06 -9.24 -24.97
CA GLN C 36 7.27 -9.27 -24.15
C GLN C 36 8.08 -10.46 -24.64
N ILE C 37 9.36 -10.25 -24.89
CA ILE C 37 10.22 -11.31 -25.37
C ILE C 37 11.31 -11.50 -24.34
N GLY C 38 11.38 -12.70 -23.76
CA GLY C 38 12.33 -12.97 -22.68
C GLY C 38 13.66 -13.38 -23.23
N GLN C 39 14.65 -13.45 -22.36
CA GLN C 39 15.88 -14.10 -22.65
C GLN C 39 15.74 -15.59 -22.71
N ALA C 40 16.61 -16.23 -23.45
CA ALA C 40 16.49 -17.64 -23.78
C ALA C 40 16.19 -18.65 -22.70
N VAL C 41 15.29 -19.56 -22.97
CA VAL C 41 14.88 -20.55 -22.02
C VAL C 41 15.30 -21.90 -22.55
N GLU C 42 15.32 -22.91 -21.70
CA GLU C 42 15.39 -24.25 -22.20
C GLU C 42 14.13 -25.01 -22.12
N SER C 43 13.74 -25.62 -23.22
CA SER C 43 12.56 -26.47 -23.25
C SER C 43 12.95 -27.94 -23.30
N ILE C 44 12.47 -28.71 -22.33
CA ILE C 44 12.66 -30.15 -22.31
C ILE C 44 11.34 -30.82 -22.65
N TYR C 45 11.35 -31.66 -23.67
CA TYR C 45 10.17 -32.40 -24.09
C TYR C 45 10.64 -33.77 -24.60
N GLN C 46 9.72 -34.67 -24.94
CA GLN C 46 10.13 -35.82 -25.74
C GLN C 46 9.59 -35.95 -27.17
N TRP C 47 10.40 -36.56 -28.03
CA TRP C 47 10.10 -36.80 -29.45
C TRP C 47 10.75 -38.13 -29.88
N ASP C 48 9.93 -39.15 -30.15
CA ASP C 48 8.78 -39.46 -29.31
C ASP C 48 9.15 -40.59 -28.34
N ASN C 49 10.29 -41.22 -28.58
CA ASN C 49 10.92 -42.08 -27.58
C ASN C 49 12.18 -41.42 -26.97
N ASN C 50 12.50 -40.21 -27.45
CA ASN C 50 13.74 -39.51 -27.06
C ASN C 50 13.50 -38.21 -26.26
N ILE C 51 14.39 -37.93 -25.31
CA ILE C 51 14.30 -36.71 -24.46
C ILE C 51 15.06 -35.56 -25.09
N CYS C 52 14.33 -34.49 -25.45
CA CYS C 52 14.88 -33.44 -26.31
C CYS C 52 15.11 -32.12 -25.59
N GLN C 53 15.94 -31.27 -26.20
CA GLN C 53 16.51 -30.12 -25.52
C GLN C 53 16.69 -28.94 -26.50
N SER C 54 15.63 -28.17 -26.71
CA SER C 54 15.69 -26.94 -27.48
C SER C 54 16.02 -25.73 -26.61
N HIS C 55 16.65 -24.76 -27.25
CA HIS C 55 17.09 -23.52 -26.64
C HIS C 55 16.26 -22.43 -27.32
N GLU C 56 15.33 -21.85 -26.60
CA GLU C 56 14.23 -21.16 -27.21
C GLU C 56 14.04 -19.79 -26.65
N VAL C 57 13.06 -19.08 -27.19
CA VAL C 57 12.79 -17.71 -26.78
C VAL C 57 11.31 -17.53 -26.43
N PRO C 58 11.05 -17.04 -25.21
CA PRO C 58 9.74 -17.10 -24.64
C PRO C 58 9.05 -15.83 -25.06
N MET C 59 7.77 -15.88 -25.32
CA MET C 59 6.99 -14.70 -25.64
C MET C 59 5.73 -14.68 -24.80
N GLN C 60 5.42 -13.53 -24.24
CA GLN C 60 4.15 -13.29 -23.57
C GLN C 60 3.31 -12.28 -24.37
N ILE C 61 2.08 -12.65 -24.67
CA ILE C 61 1.21 -11.77 -25.44
C ILE C 61 0.02 -11.37 -24.58
N LYS C 62 -0.08 -10.06 -24.33
CA LYS C 62 -1.26 -9.45 -23.73
C LYS C 62 -2.29 -9.05 -24.79
N CYS C 63 -3.52 -9.52 -24.63
CA CYS C 63 -4.59 -9.27 -25.62
C CYS C 63 -6.04 -9.49 -25.14
N MET C 64 -6.97 -9.11 -26.01
CA MET C 64 -8.40 -9.44 -25.96
C MET C 64 -8.71 -10.84 -26.52
N THR C 65 -9.50 -11.59 -25.78
CA THR C 65 -9.94 -12.92 -26.17
C THR C 65 -10.54 -12.90 -27.57
N THR C 66 -11.27 -11.83 -27.83
CA THR C 66 -12.05 -11.72 -29.03
C THR C 66 -11.13 -11.55 -30.25
N ASP C 67 -9.89 -11.15 -29.98
CA ASP C 67 -8.83 -11.09 -30.98
C ASP C 67 -7.96 -12.36 -31.08
N TYR C 68 -8.28 -13.35 -30.25
CA TYR C 68 -7.46 -14.54 -30.15
C TYR C 68 -7.35 -15.31 -31.47
N PRO C 69 -8.48 -15.57 -32.15
CA PRO C 69 -8.37 -16.43 -33.33
C PRO C 69 -7.43 -15.84 -34.38
N ALA C 70 -7.40 -14.52 -34.50
CA ALA C 70 -6.56 -13.82 -35.46
C ALA C 70 -5.07 -13.86 -35.09
N ILE C 71 -4.80 -13.62 -33.81
CA ILE C 71 -3.46 -13.69 -33.29
C ILE C 71 -2.91 -15.09 -33.46
N GLU C 72 -3.73 -16.09 -33.13
CA GLU C 72 -3.33 -17.47 -33.30
C GLU C 72 -2.89 -17.71 -34.72
N GLN C 73 -3.67 -17.22 -35.64
CA GLN C 73 -3.45 -17.45 -37.03
C GLN C 73 -2.23 -16.80 -37.56
N LEU C 74 -2.01 -15.55 -37.22
CA LEU C 74 -0.82 -14.83 -37.56
C LEU C 74 0.42 -15.47 -37.01
N VAL C 75 0.45 -15.72 -35.72
CA VAL C 75 1.62 -16.23 -35.08
C VAL C 75 1.98 -17.57 -35.62
N ILE C 76 1.02 -18.46 -35.70
CA ILE C 76 1.28 -19.82 -36.13
C ILE C 76 1.68 -19.91 -37.58
N THR C 77 1.07 -19.09 -38.43
CA THR C 77 1.50 -18.98 -39.81
C THR C 77 2.95 -18.51 -39.94
N MET C 78 3.41 -17.70 -39.00
CA MET C 78 4.70 -17.05 -39.13
C MET C 78 5.77 -17.92 -38.52
N HIS C 79 5.36 -18.79 -37.62
CA HIS C 79 6.23 -19.71 -36.94
C HIS C 79 6.65 -20.86 -37.86
N PRO C 80 7.97 -21.17 -37.86
CA PRO C 80 8.67 -22.23 -38.60
C PRO C 80 8.19 -23.63 -38.28
N TYR C 81 7.86 -23.91 -37.03
CA TYR C 81 7.28 -25.22 -36.69
C TYR C 81 5.82 -25.23 -37.04
N GLU C 82 5.24 -26.40 -37.23
CA GLU C 82 3.81 -26.54 -37.05
C GLU C 82 3.63 -27.24 -35.74
N VAL C 83 2.60 -26.87 -35.00
CA VAL C 83 2.56 -27.21 -33.58
C VAL C 83 3.63 -26.50 -32.71
N PRO C 84 3.71 -25.15 -32.79
CA PRO C 84 4.43 -24.34 -31.81
C PRO C 84 3.74 -24.35 -30.45
N GLU C 85 4.50 -24.20 -29.35
CA GLU C 85 3.90 -23.89 -28.05
C GLU C 85 3.04 -22.65 -28.29
N PHE C 86 1.78 -22.72 -27.92
CA PHE C 86 0.93 -21.57 -28.00
C PHE C 86 -0.28 -21.82 -27.10
N ILE C 87 -0.30 -21.17 -25.95
CA ILE C 87 -1.30 -21.43 -24.92
C ILE C 87 -1.74 -20.13 -24.27
N ALA C 88 -2.96 -20.16 -23.74
CA ALA C 88 -3.61 -19.00 -23.19
C ALA C 88 -4.07 -19.26 -21.76
N THR C 89 -3.78 -18.30 -20.88
CA THR C 89 -4.31 -18.29 -19.51
C THR C 89 -5.12 -17.02 -19.33
N PRO C 90 -6.13 -17.05 -18.44
CA PRO C 90 -7.09 -15.96 -18.33
C PRO C 90 -6.57 -14.77 -17.53
N ILE C 91 -6.80 -13.55 -18.03
CA ILE C 91 -6.59 -12.37 -17.21
C ILE C 91 -7.85 -12.03 -16.45
N ILE C 92 -7.70 -11.87 -15.14
CA ILE C 92 -8.84 -11.99 -14.24
C ILE C 92 -8.97 -10.73 -13.43
N GLY C 93 -7.95 -9.91 -13.49
CA GLY C 93 -8.02 -8.52 -13.06
C GLY C 93 -6.71 -7.86 -13.41
N GLY C 94 -6.57 -6.60 -13.00
CA GLY C 94 -5.32 -5.87 -13.16
C GLY C 94 -5.63 -4.41 -13.03
N PHE C 95 -4.61 -3.57 -13.18
CA PHE C 95 -4.84 -2.12 -13.16
C PHE C 95 -5.79 -1.74 -14.29
N GLY C 96 -6.95 -1.21 -13.91
CA GLY C 96 -8.00 -0.82 -14.87
C GLY C 96 -7.53 -0.03 -16.09
N PRO C 97 -6.78 1.05 -15.87
CA PRO C 97 -6.37 1.78 -17.07
C PRO C 97 -5.41 1.00 -17.97
N TYR C 98 -4.67 0.04 -17.45
CA TYR C 98 -3.91 -0.85 -18.30
C TYR C 98 -4.70 -1.84 -19.09
N LEU C 99 -5.58 -2.53 -18.42
CA LEU C 99 -6.58 -3.34 -19.02
C LEU C 99 -7.39 -2.68 -20.09
N GLN C 100 -7.73 -1.43 -19.89
CA GLN C 100 -8.49 -0.66 -20.86
C GLN C 100 -7.71 -0.20 -22.04
N TRP C 101 -6.43 0.01 -21.88
CA TRP C 101 -5.53 0.26 -22.99
C TRP C 101 -5.43 -0.93 -23.95
N ILE C 102 -5.12 -2.13 -23.43
CA ILE C 102 -5.28 -3.36 -24.19
C ILE C 102 -6.58 -3.38 -24.98
N LYS C 103 -7.70 -3.08 -24.33
CA LYS C 103 -9.01 -3.06 -25.00
C LYS C 103 -9.17 -1.97 -26.05
N ASP C 104 -8.66 -0.77 -25.77
CA ASP C 104 -8.79 0.36 -26.67
C ASP C 104 -7.91 0.17 -27.91
N ASN C 105 -6.76 -0.47 -27.71
CA ASN C 105 -5.77 -0.59 -28.77
C ASN C 105 -6.24 -1.59 -29.80
N SER C 106 -7.18 -2.43 -29.37
CA SER C 106 -7.61 -3.60 -30.10
C SER C 106 -8.56 -3.21 -31.24
N PRO C 107 -8.47 -3.93 -32.37
CA PRO C 107 -9.17 -3.58 -33.60
C PRO C 107 -10.52 -4.25 -33.58
N SER C 108 -11.37 -3.91 -32.64
CA SER C 108 -12.70 -4.48 -32.62
C SER C 108 -13.75 -3.42 -32.98
N LYS D 3 -19.17 24.50 6.77
CA LYS D 3 -19.30 24.06 8.20
C LYS D 3 -19.70 22.59 8.31
N PRO D 4 -18.86 21.76 8.92
CA PRO D 4 -18.86 20.35 8.63
C PRO D 4 -19.81 19.56 9.54
N GLU D 5 -19.96 18.28 9.24
CA GLU D 5 -20.89 17.43 9.99
C GLU D 5 -20.23 16.86 11.26
N GLN D 6 -18.92 16.85 11.28
CA GLN D 6 -18.16 16.17 12.31
C GLN D 6 -16.96 16.98 12.75
N LEU D 7 -16.69 16.95 14.05
CA LEU D 7 -15.59 17.70 14.62
C LEU D 7 -14.61 16.75 15.22
N LEU D 8 -13.37 17.19 15.27
CA LEU D 8 -12.36 16.62 16.14
C LEU D 8 -12.05 17.66 17.21
N ILE D 9 -12.40 17.35 18.45
CA ILE D 9 -12.25 18.27 19.57
C ILE D 9 -11.04 17.88 20.39
N PHE D 10 -10.20 18.86 20.71
CA PHE D 10 -9.00 18.61 21.48
C PHE D 10 -9.14 19.20 22.86
N THR D 11 -8.87 18.39 23.87
CA THR D 11 -8.99 18.88 25.24
C THR D 11 -7.91 18.30 26.16
N THR D 12 -7.95 18.72 27.40
CA THR D 12 -6.91 18.36 28.35
C THR D 12 -7.57 18.23 29.72
N CYS D 13 -7.23 17.16 30.45
CA CYS D 13 -7.51 17.06 31.88
C CYS D 13 -6.22 16.98 32.72
N PRO D 14 -6.32 17.32 34.02
CA PRO D 14 -5.15 17.36 34.91
C PRO D 14 -4.54 15.98 35.19
N ASP D 15 -5.31 14.92 34.97
CA ASP D 15 -4.80 13.56 35.14
C ASP D 15 -5.68 12.56 34.39
N ALA D 16 -5.13 11.36 34.20
CA ALA D 16 -5.79 10.31 33.42
C ALA D 16 -7.08 9.80 34.08
N ASP D 17 -7.14 9.88 35.41
CA ASP D 17 -8.32 9.39 36.10
C ASP D 17 -9.54 10.21 35.72
N ILE D 18 -9.40 11.53 35.69
CA ILE D 18 -10.57 12.32 35.40
C ILE D 18 -10.90 12.29 33.91
N ALA D 19 -9.87 12.16 33.09
CA ALA D 19 -10.08 12.19 31.65
C ALA D 19 -10.89 10.98 31.22
N CYS D 20 -10.62 9.87 31.88
CA CYS D 20 -11.25 8.62 31.54
C CYS D 20 -12.64 8.52 32.18
N ARG D 21 -12.86 9.32 33.20
CA ARG D 21 -14.21 9.59 33.68
C ARG D 21 -15.00 10.44 32.69
N ILE D 22 -14.51 11.62 32.32
CA ILE D 22 -15.23 12.42 31.31
C ILE D 22 -15.42 11.59 30.03
N ALA D 23 -14.41 10.82 29.67
CA ALA D 23 -14.46 10.10 28.43
C ALA D 23 -15.60 9.10 28.48
N THR D 24 -15.64 8.30 29.54
CA THR D 24 -16.71 7.33 29.75
C THR D 24 -18.09 8.00 29.76
N ALA D 25 -18.22 9.05 30.54
CA ALA D 25 -19.42 9.77 30.53
C ALA D 25 -19.83 10.13 29.15
N LEU D 26 -18.91 10.47 28.28
CA LEU D 26 -19.28 10.91 26.95
C LEU D 26 -19.71 9.78 26.06
N VAL D 27 -19.12 8.63 26.21
CA VAL D 27 -19.51 7.55 25.39
C VAL D 27 -20.67 6.77 25.91
N GLU D 28 -20.80 6.68 27.21
CA GLU D 28 -22.01 6.10 27.80
C GLU D 28 -23.26 6.86 27.38
N ALA D 29 -23.11 8.16 27.13
CA ALA D 29 -24.20 8.98 26.59
C ALA D 29 -24.34 8.95 25.07
N LYS D 30 -23.36 8.39 24.37
CA LYS D 30 -23.38 8.34 22.89
C LYS D 30 -23.11 9.72 22.28
N LEU D 31 -22.63 10.64 23.11
CA LEU D 31 -22.44 12.01 22.68
C LEU D 31 -21.24 12.05 21.75
N ALA D 32 -20.27 11.22 22.10
CA ALA D 32 -19.09 11.02 21.30
C ALA D 32 -19.04 9.52 21.00
N ALA D 33 -18.62 9.21 19.76
CA ALA D 33 -18.49 7.85 19.29
C ALA D 33 -17.22 7.25 19.84
N CYS D 34 -16.20 8.07 19.94
CA CYS D 34 -14.87 7.64 20.33
C CYS D 34 -14.14 8.75 21.02
N VAL D 35 -13.48 8.41 22.12
CA VAL D 35 -12.60 9.33 22.80
C VAL D 35 -11.23 8.71 23.01
N GLN D 36 -10.20 9.52 22.79
CA GLN D 36 -8.82 9.04 22.82
C GLN D 36 -8.10 9.77 23.93
N ILE D 37 -7.47 9.02 24.80
CA ILE D 37 -6.76 9.58 25.91
C ILE D 37 -5.30 9.25 25.78
N GLY D 38 -4.48 10.31 25.76
CA GLY D 38 -3.08 10.18 25.47
C GLY D 38 -2.31 10.06 26.74
N GLN D 39 -1.06 9.61 26.62
CA GLN D 39 -0.14 9.66 27.74
C GLN D 39 0.28 11.10 28.01
N ALA D 40 0.95 11.32 29.13
CA ALA D 40 1.08 12.65 29.68
C ALA D 40 1.79 13.63 28.73
N VAL D 41 1.47 14.89 28.95
CA VAL D 41 1.75 15.94 28.03
C VAL D 41 2.07 17.14 28.91
N GLU D 42 3.00 17.97 28.49
CA GLU D 42 3.41 19.13 29.28
C GLU D 42 2.87 20.45 28.68
N SER D 43 1.95 21.10 29.39
CA SER D 43 1.43 22.40 28.93
C SER D 43 2.21 23.58 29.51
N ILE D 44 2.58 24.52 28.65
CA ILE D 44 3.30 25.74 29.04
C ILE D 44 2.50 26.98 28.65
N TYR D 45 2.29 27.87 29.61
CA TYR D 45 1.36 29.01 29.45
C TYR D 45 1.63 30.04 30.57
N GLN D 46 0.79 31.07 30.65
CA GLN D 46 1.03 32.19 31.58
C GLN D 46 -0.17 32.42 32.53
N TRP D 47 0.12 32.56 33.82
CA TRP D 47 -0.92 32.79 34.86
C TRP D 47 -0.77 34.15 35.58
N ASP D 48 0.05 34.21 36.62
CA ASP D 48 0.17 35.43 37.42
C ASP D 48 0.83 36.56 36.62
N ASN D 49 0.97 36.33 35.31
CA ASN D 49 2.06 36.89 34.51
C ASN D 49 3.40 36.17 34.70
N ASN D 50 3.35 34.89 35.05
CA ASN D 50 4.53 34.03 35.07
C ASN D 50 4.36 32.80 34.18
N ILE D 51 5.47 32.11 33.93
CA ILE D 51 5.48 30.93 33.08
C ILE D 51 5.16 29.67 33.90
N CYS D 52 4.06 29.00 33.57
CA CYS D 52 3.69 27.76 34.29
C CYS D 52 3.80 26.51 33.42
N GLN D 53 4.41 25.48 33.98
CA GLN D 53 4.33 24.13 33.41
C GLN D 53 3.17 23.36 34.07
N SER D 54 2.49 22.54 33.28
CA SER D 54 1.43 21.69 33.79
C SER D 54 1.55 20.32 33.21
N HIS D 55 1.35 19.30 34.03
CA HIS D 55 1.34 17.93 33.57
C HIS D 55 -0.07 17.37 33.40
N GLU D 56 -0.51 17.25 32.16
CA GLU D 56 -1.86 16.86 31.86
C GLU D 56 -2.05 15.72 30.88
N VAL D 57 -3.28 15.24 30.80
CA VAL D 57 -3.64 14.21 29.83
C VAL D 57 -4.49 14.80 28.70
N PRO D 58 -4.13 14.47 27.47
CA PRO D 58 -4.80 15.01 26.32
C PRO D 58 -5.95 14.12 25.92
N MET D 59 -7.04 14.68 25.47
CA MET D 59 -8.13 13.88 24.90
C MET D 59 -8.44 14.43 23.51
N GLN D 60 -8.72 13.54 22.55
CA GLN D 60 -9.52 13.95 21.40
C GLN D 60 -10.86 13.26 21.31
N ILE D 61 -11.86 14.04 20.94
CA ILE D 61 -13.21 13.55 20.86
C ILE D 61 -13.67 13.62 19.42
N LYS D 62 -14.16 12.51 18.92
CA LYS D 62 -14.77 12.51 17.61
C LYS D 62 -16.29 12.46 17.75
N CYS D 63 -16.97 13.31 16.99
CA CYS D 63 -18.34 13.62 17.26
C CYS D 63 -19.01 14.29 16.06
N MET D 64 -20.32 14.47 16.17
CA MET D 64 -21.10 15.16 15.17
C MET D 64 -21.19 16.60 15.63
N THR D 65 -21.14 17.55 14.70
CA THR D 65 -21.15 18.96 15.03
C THR D 65 -22.43 19.32 15.77
N THR D 66 -23.51 18.68 15.37
CA THR D 66 -24.80 18.92 15.99
C THR D 66 -24.79 18.60 17.50
N ASP D 67 -23.81 17.82 17.94
CA ASP D 67 -23.76 17.37 19.32
C ASP D 67 -22.85 18.22 20.16
N TYR D 68 -22.23 19.22 19.54
CA TYR D 68 -21.25 20.07 20.20
C TYR D 68 -21.73 20.66 21.52
N PRO D 69 -22.86 21.39 21.52
CA PRO D 69 -23.35 22.02 22.77
C PRO D 69 -23.45 21.03 23.94
N ALA D 70 -24.04 19.86 23.70
CA ALA D 70 -24.14 18.83 24.71
C ALA D 70 -22.76 18.45 25.22
N ILE D 71 -21.83 18.23 24.28
CA ILE D 71 -20.49 17.81 24.62
C ILE D 71 -19.77 18.86 25.47
N GLU D 72 -19.93 20.12 25.06
CA GLU D 72 -19.32 21.24 25.77
C GLU D 72 -19.81 21.40 27.21
N GLN D 73 -21.11 21.51 27.40
CA GLN D 73 -21.69 21.47 28.70
C GLN D 73 -21.23 20.33 29.54
N LEU D 74 -21.38 19.12 29.06
CA LEU D 74 -20.94 17.99 29.80
C LEU D 74 -19.52 18.12 30.20
N VAL D 75 -18.65 18.28 29.22
CA VAL D 75 -17.23 18.27 29.46
C VAL D 75 -16.74 19.39 30.32
N ILE D 76 -17.31 20.57 30.14
CA ILE D 76 -16.84 21.73 30.87
C ILE D 76 -17.24 21.80 32.33
N THR D 77 -18.46 21.37 32.61
CA THR D 77 -18.94 21.12 33.97
C THR D 77 -18.11 20.10 34.76
N MET D 78 -17.84 18.94 34.14
CA MET D 78 -17.20 17.83 34.85
C MET D 78 -15.75 18.21 35.13
N HIS D 79 -15.25 19.17 34.38
CA HIS D 79 -13.86 19.56 34.46
C HIS D 79 -13.66 20.51 35.63
N PRO D 80 -12.58 20.27 36.39
CA PRO D 80 -12.22 20.95 37.63
C PRO D 80 -11.80 22.42 37.49
N TYR D 81 -11.38 22.85 36.29
CA TYR D 81 -11.04 24.25 36.03
C TYR D 81 -12.22 25.11 35.56
N GLU D 82 -12.14 26.41 35.83
CA GLU D 82 -13.19 27.33 35.46
C GLU D 82 -13.15 27.50 33.96
N VAL D 83 -11.95 27.42 33.40
CA VAL D 83 -11.79 27.57 31.96
C VAL D 83 -10.77 26.62 31.37
N PRO D 84 -11.20 25.39 31.06
CA PRO D 84 -10.37 24.33 30.50
C PRO D 84 -10.05 24.52 29.02
N GLU D 85 -8.94 23.94 28.57
CA GLU D 85 -8.64 23.86 27.16
C GLU D 85 -9.71 23.05 26.42
N PHE D 86 -10.42 23.70 25.51
CA PHE D 86 -11.49 23.05 24.80
C PHE D 86 -11.62 23.66 23.42
N ILE D 87 -11.11 22.95 22.40
CA ILE D 87 -11.06 23.51 21.06
C ILE D 87 -11.56 22.53 20.00
N ALA D 88 -12.21 23.09 18.98
CA ALA D 88 -12.79 22.31 17.88
C ALA D 88 -12.08 22.51 16.53
N THR D 89 -12.05 21.42 15.78
CA THR D 89 -11.39 21.34 14.51
C THR D 89 -12.28 20.54 13.55
N PRO D 90 -12.36 20.97 12.28
CA PRO D 90 -13.26 20.31 11.33
C PRO D 90 -12.69 18.99 10.84
N ILE D 91 -13.52 17.94 10.89
CA ILE D 91 -13.38 16.80 10.03
C ILE D 91 -14.01 17.06 8.66
N ILE D 92 -13.20 16.97 7.60
CA ILE D 92 -13.65 17.30 6.25
C ILE D 92 -13.54 16.10 5.33
N GLY D 93 -13.13 14.95 5.86
CA GLY D 93 -13.18 13.70 5.13
C GLY D 93 -12.74 12.51 5.98
N GLY D 94 -12.71 11.33 5.39
CA GLY D 94 -12.26 10.17 6.12
C GLY D 94 -12.87 8.93 5.53
N PHE D 95 -12.62 7.77 6.14
CA PHE D 95 -13.19 6.53 5.64
C PHE D 95 -14.71 6.48 5.81
N GLY D 96 -15.44 6.37 4.69
CA GLY D 96 -16.90 6.45 4.68
C GLY D 96 -17.58 5.71 5.82
N PRO D 97 -17.33 4.39 5.92
CA PRO D 97 -17.96 3.65 6.98
C PRO D 97 -17.57 4.13 8.38
N TYR D 98 -16.35 4.59 8.57
CA TYR D 98 -16.00 5.30 9.81
C TYR D 98 -16.79 6.55 10.10
N LEU D 99 -16.67 7.53 9.27
CA LEU D 99 -17.54 8.64 9.30
C LEU D 99 -18.99 8.37 9.62
N GLN D 100 -19.56 7.35 9.01
CA GLN D 100 -20.94 6.98 9.17
C GLN D 100 -21.20 6.35 10.51
N TRP D 101 -20.33 5.47 10.92
CA TRP D 101 -20.40 4.88 12.26
C TRP D 101 -20.49 5.95 13.35
N ILE D 102 -19.79 7.07 13.14
CA ILE D 102 -19.87 8.24 14.02
C ILE D 102 -21.24 8.86 14.00
N LYS D 103 -21.81 8.97 12.81
CA LYS D 103 -23.16 9.54 12.62
C LYS D 103 -24.23 8.64 13.23
N ASP D 104 -23.92 7.35 13.37
CA ASP D 104 -24.95 6.36 13.69
C ASP D 104 -25.44 6.46 15.11
N ASN D 105 -24.50 6.73 15.98
CA ASN D 105 -24.74 6.86 17.38
C ASN D 105 -24.87 8.15 18.11
N SER D 106 -24.47 9.25 17.40
CA SER D 106 -25.21 10.43 17.64
C SER D 106 -26.66 10.02 17.94
N PRO D 107 -27.25 10.60 18.98
CA PRO D 107 -28.68 10.54 19.15
C PRO D 107 -29.28 11.86 18.79
N SER D 108 -28.51 12.65 18.07
CA SER D 108 -28.89 14.01 17.60
C SER D 108 -28.70 15.10 18.66
N TYR E 2 -12.73 28.69 5.36
CA TYR E 2 -11.90 28.94 6.57
C TYR E 2 -10.99 30.17 6.44
N LYS E 3 -11.34 31.22 7.17
CA LYS E 3 -10.35 32.20 7.61
C LYS E 3 -10.53 32.50 9.10
N PRO E 4 -10.05 31.60 9.96
CA PRO E 4 -10.41 31.58 11.38
C PRO E 4 -9.70 32.65 12.20
N GLU E 5 -10.30 33.04 13.31
CA GLU E 5 -9.66 33.92 14.26
C GLU E 5 -8.42 33.23 14.81
N GLN E 6 -8.45 31.89 14.87
CA GLN E 6 -7.55 31.15 15.74
C GLN E 6 -6.98 29.90 15.08
N LEU E 7 -5.73 29.56 15.41
CA LEU E 7 -5.07 28.41 14.79
C LEU E 7 -4.64 27.36 15.80
N LEU E 8 -4.64 26.11 15.37
CA LEU E 8 -3.92 25.05 16.08
C LEU E 8 -2.74 24.65 15.23
N ILE E 9 -1.54 24.85 15.74
CA ILE E 9 -0.33 24.59 14.96
C ILE E 9 0.36 23.33 15.46
N PHE E 10 0.78 22.49 14.51
CA PHE E 10 1.58 21.31 14.80
C PHE E 10 3.05 21.48 14.37
N THR E 11 3.99 21.29 15.29
CA THR E 11 5.41 21.09 14.95
C THR E 11 6.02 19.90 15.65
N THR E 12 7.30 19.72 15.37
CA THR E 12 8.06 18.62 15.88
C THR E 12 9.43 19.21 16.14
N CYS E 13 10.05 18.85 17.25
CA CYS E 13 11.46 19.16 17.53
C CYS E 13 12.26 17.89 17.66
N PRO E 14 13.60 17.98 17.47
CA PRO E 14 14.44 16.78 17.51
C PRO E 14 14.62 16.21 18.92
N ASP E 15 14.43 17.04 19.94
CA ASP E 15 14.41 16.59 21.32
C ASP E 15 13.61 17.56 22.18
N ALA E 16 13.41 17.22 23.45
CA ALA E 16 12.43 17.90 24.31
C ALA E 16 12.94 19.23 24.81
N ASP E 17 14.27 19.36 24.88
CA ASP E 17 14.91 20.55 25.40
C ASP E 17 14.71 21.72 24.46
N ILE E 18 14.86 21.43 23.17
CA ILE E 18 14.56 22.40 22.13
C ILE E 18 13.10 22.80 22.13
N ALA E 19 12.20 21.84 22.24
CA ALA E 19 10.76 22.12 22.29
C ALA E 19 10.41 22.98 23.49
N CYS E 20 10.99 22.66 24.64
CA CYS E 20 10.71 23.40 25.84
C CYS E 20 11.26 24.82 25.73
N ARG E 21 12.41 24.93 25.08
CA ARG E 21 12.97 26.23 24.82
C ARG E 21 12.09 27.05 23.90
N ILE E 22 11.66 26.45 22.80
CA ILE E 22 10.79 27.12 21.84
C ILE E 22 9.43 27.43 22.46
N ALA E 23 8.84 26.43 23.11
CA ALA E 23 7.60 26.62 23.87
C ALA E 23 7.72 27.85 24.76
N THR E 24 8.79 27.88 25.56
CA THR E 24 9.04 28.94 26.52
C THR E 24 9.13 30.35 25.93
N ALA E 25 9.87 30.51 24.84
CA ALA E 25 9.91 31.78 24.12
C ALA E 25 8.55 32.27 23.69
N LEU E 26 7.79 31.40 23.04
CA LEU E 26 6.49 31.77 22.49
C LEU E 26 5.59 32.23 23.61
N VAL E 27 5.72 31.61 24.77
CA VAL E 27 4.83 31.96 25.85
C VAL E 27 5.25 33.27 26.50
N GLU E 28 6.53 33.52 26.69
CA GLU E 28 6.92 34.80 27.27
C GLU E 28 6.67 35.96 26.36
N ALA E 29 6.77 35.74 25.06
CA ALA E 29 6.40 36.78 24.11
C ALA E 29 4.88 36.96 24.04
N LYS E 30 4.15 36.07 24.69
CA LYS E 30 2.68 36.05 24.59
C LYS E 30 2.16 35.77 23.17
N LEU E 31 3.00 35.22 22.30
CA LEU E 31 2.59 34.98 20.92
C LEU E 31 1.69 33.77 20.87
N ALA E 32 1.86 32.91 21.86
CA ALA E 32 1.06 31.72 21.99
C ALA E 32 0.58 31.67 23.42
N ALA E 33 -0.69 31.33 23.60
CA ALA E 33 -1.31 31.33 24.89
C ALA E 33 -0.87 30.09 25.61
N CYS E 34 -0.83 28.99 24.84
CA CYS E 34 -0.51 27.67 25.39
C CYS E 34 0.26 26.89 24.36
N VAL E 35 1.30 26.22 24.84
CA VAL E 35 2.00 25.28 24.03
C VAL E 35 1.99 23.93 24.73
N GLN E 36 1.80 22.87 23.95
CA GLN E 36 1.73 21.54 24.49
C GLN E 36 2.80 20.67 23.84
N ILE E 37 3.60 20.03 24.68
CA ILE E 37 4.70 19.22 24.22
C ILE E 37 4.38 17.80 24.63
N GLY E 38 4.26 16.92 23.64
CA GLY E 38 3.97 15.53 23.92
C GLY E 38 5.22 14.77 24.34
N GLN E 39 5.04 13.52 24.73
CA GLN E 39 6.15 12.59 24.80
C GLN E 39 6.57 12.12 23.41
N ALA E 40 7.73 11.53 23.32
CA ALA E 40 8.33 11.25 22.04
C ALA E 40 7.52 10.48 21.03
N VAL E 41 7.43 11.04 19.84
CA VAL E 41 6.82 10.38 18.74
C VAL E 41 7.86 9.82 17.82
N GLU E 42 7.50 8.86 17.01
CA GLU E 42 8.38 8.39 15.98
C GLU E 42 8.03 8.90 14.65
N SER E 43 8.93 9.60 13.99
CA SER E 43 8.65 10.12 12.65
C SER E 43 9.31 9.25 11.59
N ILE E 44 8.50 8.71 10.70
CA ILE E 44 8.99 7.90 9.59
C ILE E 44 8.89 8.75 8.33
N TYR E 45 10.02 8.91 7.63
CA TYR E 45 10.07 9.69 6.39
C TYR E 45 11.24 9.21 5.54
N GLN E 46 11.37 9.77 4.33
CA GLN E 46 12.48 9.43 3.46
C GLN E 46 13.56 10.53 3.41
N TRP E 47 14.82 10.14 3.55
CA TRP E 47 15.92 11.09 3.52
C TRP E 47 16.93 10.88 2.37
N ASP E 48 17.80 9.92 2.46
CA ASP E 48 18.72 9.81 1.38
C ASP E 48 18.36 8.56 0.64
N ASN E 49 17.17 8.55 0.07
CA ASN E 49 16.56 7.34 -0.44
C ASN E 49 16.79 6.15 0.46
N ASN E 50 16.94 6.40 1.74
CA ASN E 50 16.60 5.41 2.76
C ASN E 50 15.31 5.77 3.49
N ILE E 51 14.71 4.78 4.15
CA ILE E 51 13.60 5.04 5.05
C ILE E 51 14.10 5.35 6.46
N CYS E 52 13.75 6.53 6.96
CA CYS E 52 14.34 7.05 8.18
C CYS E 52 13.33 7.03 9.31
N GLN E 53 13.79 6.59 10.48
CA GLN E 53 13.05 6.79 11.74
C GLN E 53 13.84 7.65 12.67
N SER E 54 13.17 8.63 13.27
CA SER E 54 13.78 9.43 14.31
C SER E 54 12.78 9.82 15.38
N HIS E 55 13.25 9.83 16.62
CA HIS E 55 12.40 10.16 17.73
C HIS E 55 12.38 11.66 17.93
N GLU E 56 11.20 12.20 18.14
CA GLU E 56 10.96 13.60 18.05
C GLU E 56 9.94 14.00 19.03
N VAL E 57 9.73 15.31 19.12
CA VAL E 57 9.07 15.90 20.27
C VAL E 57 7.95 16.84 19.84
N PRO E 58 6.71 16.35 19.90
CA PRO E 58 5.61 16.98 19.21
C PRO E 58 5.16 18.17 19.99
N MET E 59 4.74 19.20 19.30
CA MET E 59 4.21 20.39 19.96
C MET E 59 2.91 20.82 19.29
N GLN E 60 1.95 21.27 20.09
CA GLN E 60 0.76 21.89 19.58
C GLN E 60 0.76 23.29 20.12
N ILE E 61 0.58 24.26 19.25
CA ILE E 61 0.59 25.66 19.62
C ILE E 61 -0.79 26.22 19.40
N LYS E 62 -1.39 26.81 20.42
CA LYS E 62 -2.67 27.51 20.23
C LYS E 62 -2.50 29.02 20.14
N CYS E 63 -3.03 29.63 19.09
CA CYS E 63 -2.77 31.03 18.85
C CYS E 63 -3.86 31.68 18.04
N MET E 64 -3.84 33.00 18.04
CA MET E 64 -4.58 33.84 17.10
C MET E 64 -3.92 33.79 15.73
N THR E 65 -4.73 33.72 14.67
CA THR E 65 -4.20 33.66 13.33
C THR E 65 -3.24 34.79 13.02
N THR E 66 -3.51 35.94 13.60
CA THR E 66 -2.89 37.20 13.22
C THR E 66 -1.47 37.28 13.78
N ASP E 67 -1.14 36.33 14.67
CA ASP E 67 0.17 36.27 15.34
C ASP E 67 1.05 35.22 14.69
N TYR E 68 0.56 34.65 13.60
CA TYR E 68 1.16 33.48 13.02
C TYR E 68 2.53 33.80 12.40
N PRO E 69 2.64 34.94 11.69
CA PRO E 69 3.97 35.25 11.11
C PRO E 69 5.09 35.36 12.14
N ALA E 70 4.82 36.00 13.26
CA ALA E 70 5.81 36.13 14.34
C ALA E 70 6.17 34.77 14.93
N ILE E 71 5.16 33.91 15.09
CA ILE E 71 5.38 32.56 15.58
C ILE E 71 6.20 31.73 14.62
N GLU E 72 5.90 31.83 13.33
CA GLU E 72 6.64 31.08 12.33
C GLU E 72 8.11 31.48 12.34
N GLN E 73 8.31 32.78 12.44
CA GLN E 73 9.63 33.34 12.37
C GLN E 73 10.46 32.79 13.54
N LEU E 74 9.92 32.85 14.76
CA LEU E 74 10.64 32.37 15.94
C LEU E 74 10.93 30.87 15.85
N VAL E 75 9.89 30.09 15.56
CA VAL E 75 10.04 28.67 15.58
C VAL E 75 11.02 28.18 14.50
N ILE E 76 10.87 28.70 13.29
CA ILE E 76 11.75 28.25 12.23
C ILE E 76 13.20 28.63 12.52
N THR E 77 13.47 29.87 12.88
CA THR E 77 14.85 30.21 13.17
C THR E 77 15.45 29.48 14.38
N MET E 78 14.60 29.15 15.36
CA MET E 78 15.08 28.44 16.55
C MET E 78 15.27 26.96 16.31
N HIS E 79 14.66 26.46 15.25
CA HIS E 79 14.67 25.04 14.98
C HIS E 79 15.99 24.61 14.29
N PRO E 80 16.45 23.39 14.57
CA PRO E 80 17.71 22.98 13.93
C PRO E 80 17.62 22.76 12.41
N TYR E 81 16.47 22.35 11.89
CA TYR E 81 16.35 22.01 10.48
C TYR E 81 15.98 23.19 9.60
N GLU E 82 16.55 23.23 8.41
CA GLU E 82 16.19 24.25 7.42
C GLU E 82 14.68 24.26 7.14
N VAL E 83 14.09 23.08 7.01
CA VAL E 83 12.68 22.94 6.69
C VAL E 83 11.97 22.09 7.76
N PRO E 84 11.67 22.70 8.91
CA PRO E 84 10.97 21.97 9.94
C PRO E 84 9.51 21.67 9.60
N GLU E 85 8.96 20.62 10.20
CA GLU E 85 7.50 20.41 10.18
C GLU E 85 6.79 21.51 10.98
N PHE E 86 5.95 22.26 10.27
CA PHE E 86 5.25 23.39 10.85
C PHE E 86 3.93 23.62 10.10
N ILE E 87 2.80 23.28 10.74
CA ILE E 87 1.48 23.28 10.05
C ILE E 87 0.30 23.85 10.83
N ALA E 88 -0.55 24.60 10.14
CA ALA E 88 -1.71 25.19 10.76
C ALA E 88 -2.97 24.45 10.38
N THR E 89 -3.77 24.13 11.39
CA THR E 89 -5.15 23.73 11.19
C THR E 89 -6.05 24.79 11.84
N PRO E 90 -7.27 24.93 11.32
CA PRO E 90 -8.17 25.99 11.77
C PRO E 90 -8.91 25.58 13.02
N ILE E 91 -8.99 26.50 13.99
CA ILE E 91 -9.86 26.32 15.14
C ILE E 91 -11.21 26.97 14.82
N ILE E 92 -12.25 26.15 14.65
CA ILE E 92 -13.54 26.71 14.25
C ILE E 92 -14.61 26.64 15.33
N GLY E 93 -14.19 26.45 16.56
CA GLY E 93 -15.04 26.67 17.72
C GLY E 93 -14.36 26.11 18.93
N GLY E 94 -15.05 26.13 20.06
CA GLY E 94 -14.47 25.73 21.34
C GLY E 94 -15.19 26.47 22.44
N PHE E 95 -14.80 26.23 23.68
CA PHE E 95 -15.37 26.91 24.83
C PHE E 95 -15.08 28.41 24.80
N GLY E 96 -16.13 29.22 24.63
CA GLY E 96 -16.03 30.69 24.67
C GLY E 96 -14.96 31.32 25.55
N PRO E 97 -15.09 31.19 26.88
CA PRO E 97 -14.09 31.85 27.71
C PRO E 97 -12.63 31.45 27.38
N TYR E 98 -12.43 30.23 26.92
CA TYR E 98 -11.11 29.76 26.57
C TYR E 98 -10.56 30.36 25.31
N LEU E 99 -11.39 30.47 24.31
CA LEU E 99 -11.01 31.03 23.05
C LEU E 99 -10.72 32.46 23.24
N GLN E 100 -11.18 33.00 24.35
CA GLN E 100 -11.21 34.41 24.53
C GLN E 100 -10.03 34.74 25.36
N TRP E 101 -9.63 33.78 26.16
CA TRP E 101 -8.35 33.85 26.81
C TRP E 101 -7.20 33.82 25.79
N ILE E 102 -7.30 32.97 24.78
CA ILE E 102 -6.34 32.99 23.68
C ILE E 102 -6.29 34.37 23.05
N LYS E 103 -7.45 35.01 22.91
CA LYS E 103 -7.55 36.31 22.25
C LYS E 103 -6.99 37.43 23.11
N ASP E 104 -7.23 37.37 24.41
CA ASP E 104 -6.90 38.46 25.33
C ASP E 104 -5.39 38.50 25.56
N ASN E 105 -4.80 37.32 25.58
CA ASN E 105 -3.39 37.12 25.87
C ASN E 105 -2.48 37.58 24.73
N SER E 106 -2.97 37.46 23.52
CA SER E 106 -2.29 37.99 22.38
C SER E 106 -1.88 39.42 22.39
N PRO E 107 -0.66 39.67 22.03
CA PRO E 107 -0.21 41.04 22.10
C PRO E 107 -0.94 41.99 21.23
N SER E 108 -0.85 41.75 19.94
CA SER E 108 -1.28 42.71 18.92
C SER E 108 -2.78 43.01 19.03
N TYR F 2 -13.95 23.53 -0.38
CA TYR F 2 -13.32 24.58 0.49
C TYR F 2 -11.86 24.95 0.14
N LYS F 3 -11.20 24.19 -0.74
CA LYS F 3 -10.82 22.81 -0.49
C LYS F 3 -9.29 22.75 -0.39
N PRO F 4 -8.77 22.31 0.77
CA PRO F 4 -7.36 22.44 1.11
C PRO F 4 -6.42 21.67 0.16
N GLU F 5 -5.27 22.25 -0.16
CA GLU F 5 -4.28 21.55 -0.96
C GLU F 5 -3.68 20.34 -0.23
N GLN F 6 -3.43 20.48 1.07
CA GLN F 6 -3.03 19.33 1.88
C GLN F 6 -3.83 19.04 3.13
N LEU F 7 -3.53 17.88 3.72
CA LEU F 7 -4.39 17.22 4.68
C LEU F 7 -3.58 16.74 5.89
N LEU F 8 -4.17 16.86 7.07
CA LEU F 8 -3.72 16.15 8.26
C LEU F 8 -4.69 15.02 8.56
N ILE F 9 -4.22 13.79 8.46
CA ILE F 9 -5.05 12.59 8.64
C ILE F 9 -4.74 11.93 9.99
N PHE F 10 -5.77 11.63 10.80
CA PHE F 10 -5.55 10.85 12.02
C PHE F 10 -6.04 9.41 11.88
N THR F 11 -5.28 8.46 12.40
CA THR F 11 -5.74 7.08 12.47
C THR F 11 -5.01 6.35 13.59
N THR F 12 -5.50 5.17 13.93
CA THR F 12 -4.92 4.37 15.01
C THR F 12 -4.68 3.01 14.46
N CYS F 13 -3.78 2.27 15.10
CA CYS F 13 -3.60 0.86 14.84
C CYS F 13 -3.60 0.13 16.18
N PRO F 14 -3.90 -1.19 16.16
CA PRO F 14 -3.96 -1.96 17.40
C PRO F 14 -2.62 -2.04 18.12
N ASP F 15 -1.59 -1.48 17.52
CA ASP F 15 -0.30 -2.14 17.48
C ASP F 15 0.78 -1.21 16.89
N ALA F 16 1.90 -1.06 17.58
CA ALA F 16 3.00 -0.23 17.08
C ALA F 16 3.68 -0.88 15.87
N ASP F 17 3.80 -2.21 15.92
CA ASP F 17 4.29 -3.01 14.79
C ASP F 17 3.46 -2.77 13.53
N ILE F 18 2.14 -2.83 13.68
CA ILE F 18 1.24 -2.66 12.54
C ILE F 18 1.32 -1.23 12.03
N ALA F 19 1.36 -0.29 12.96
CA ALA F 19 1.50 1.13 12.65
C ALA F 19 2.75 1.37 11.82
N CYS F 20 3.88 0.83 12.26
CA CYS F 20 5.13 1.01 11.55
C CYS F 20 5.02 0.49 10.13
N ARG F 21 4.49 -0.72 9.95
CA ARG F 21 4.35 -1.30 8.62
C ARG F 21 3.57 -0.38 7.70
N ILE F 22 2.43 0.10 8.17
CA ILE F 22 1.57 0.94 7.35
C ILE F 22 2.27 2.27 7.06
N ALA F 23 2.82 2.87 8.12
CA ALA F 23 3.68 4.04 7.99
C ALA F 23 4.74 3.85 6.91
N THR F 24 5.55 2.81 7.04
CA THR F 24 6.67 2.68 6.13
C THR F 24 6.29 2.33 4.70
N ALA F 25 5.21 1.62 4.50
CA ALA F 25 4.57 1.59 3.20
C ALA F 25 4.11 2.92 2.65
N LEU F 26 3.45 3.69 3.45
CA LEU F 26 3.07 4.98 3.03
C LEU F 26 4.26 5.78 2.58
N VAL F 27 5.36 5.73 3.34
CA VAL F 27 6.55 6.48 2.95
C VAL F 27 7.16 5.93 1.66
N GLU F 28 7.49 4.65 1.70
CA GLU F 28 8.08 3.91 0.58
C GLU F 28 7.37 4.30 -0.75
N ALA F 29 6.08 4.51 -0.70
CA ALA F 29 5.31 4.92 -1.83
C ALA F 29 5.24 6.41 -2.10
N LYS F 30 5.79 7.21 -1.22
CA LYS F 30 5.86 8.64 -1.40
C LYS F 30 4.50 9.28 -1.34
N LEU F 31 3.53 8.55 -0.87
CA LEU F 31 2.17 9.01 -0.73
C LEU F 31 2.01 9.88 0.48
N ALA F 32 2.80 9.61 1.49
CA ALA F 32 2.94 10.55 2.60
C ALA F 32 4.40 10.96 2.72
N ALA F 33 4.65 12.23 2.99
CA ALA F 33 6.02 12.71 3.17
C ALA F 33 6.55 12.31 4.54
N CYS F 34 5.65 12.29 5.51
CA CYS F 34 5.99 11.97 6.87
C CYS F 34 4.81 11.31 7.54
N VAL F 35 5.09 10.23 8.27
CA VAL F 35 4.14 9.68 9.21
C VAL F 35 4.67 9.74 10.63
N GLN F 36 3.81 10.11 11.57
CA GLN F 36 4.16 10.19 12.99
C GLN F 36 3.40 9.13 13.78
N ILE F 37 4.12 8.30 14.52
CA ILE F 37 3.53 7.28 15.35
C ILE F 37 3.82 7.68 16.76
N GLY F 38 2.76 7.92 17.54
CA GLY F 38 2.89 8.23 18.96
C GLY F 38 2.98 7.00 19.84
N GLN F 39 3.27 7.23 21.10
CA GLN F 39 3.17 6.19 22.11
C GLN F 39 1.70 5.86 22.43
N ALA F 40 1.45 4.78 23.10
CA ALA F 40 0.11 4.26 23.16
C ALA F 40 -0.89 5.24 23.71
N VAL F 41 -2.07 5.23 23.12
CA VAL F 41 -3.20 5.95 23.63
C VAL F 41 -4.27 4.99 24.09
N GLU F 42 -5.20 5.43 24.90
CA GLU F 42 -6.41 4.66 25.10
C GLU F 42 -7.66 5.07 24.41
N SER F 43 -8.25 4.19 23.65
CA SER F 43 -9.47 4.54 22.91
C SER F 43 -10.70 4.02 23.64
N ILE F 44 -11.67 4.91 23.87
CA ILE F 44 -12.93 4.51 24.49
C ILE F 44 -14.10 4.68 23.53
N TYR F 45 -14.84 3.59 23.34
CA TYR F 45 -15.98 3.55 22.43
C TYR F 45 -16.98 2.47 22.90
N GLN F 46 -18.06 2.26 22.15
CA GLN F 46 -18.93 1.10 22.43
C GLN F 46 -19.29 0.19 21.24
N TRP F 47 -19.51 -1.09 21.55
CA TRP F 47 -19.99 -2.10 20.58
C TRP F 47 -20.48 -3.40 21.28
N ASP F 48 -21.80 -3.52 21.48
CA ASP F 48 -22.75 -2.47 21.14
C ASP F 48 -23.85 -2.31 22.18
N ASN F 49 -23.63 -2.89 23.35
CA ASN F 49 -24.26 -2.42 24.58
C ASN F 49 -23.17 -2.24 25.62
N ASN F 50 -21.94 -2.20 25.12
CA ASN F 50 -20.75 -2.36 25.95
C ASN F 50 -19.80 -1.17 25.88
N ILE F 51 -19.19 -0.88 27.01
CA ILE F 51 -18.16 0.14 27.09
C ILE F 51 -16.79 -0.48 26.83
N CYS F 52 -16.21 -0.15 25.67
CA CYS F 52 -14.99 -0.80 25.20
C CYS F 52 -13.75 0.05 25.38
N GLN F 53 -12.60 -0.59 25.23
CA GLN F 53 -11.46 -0.34 26.06
C GLN F 53 -10.27 -1.03 25.40
N SER F 54 -9.66 -0.36 24.42
CA SER F 54 -8.48 -0.89 23.76
C SER F 54 -7.27 0.06 23.71
N HIS F 55 -6.09 -0.53 23.85
CA HIS F 55 -4.83 0.21 23.74
C HIS F 55 -4.32 0.18 22.30
N GLU F 56 -4.07 1.34 21.76
CA GLU F 56 -3.70 1.48 20.40
C GLU F 56 -2.59 2.44 20.22
N VAL F 57 -2.39 2.81 19.00
CA VAL F 57 -1.24 3.57 18.68
C VAL F 57 -1.57 4.50 17.55
N PRO F 58 -1.38 5.78 17.78
CA PRO F 58 -2.04 6.79 16.98
C PRO F 58 -1.15 7.17 15.84
N MET F 59 -1.70 7.59 14.73
CA MET F 59 -0.88 8.00 13.60
C MET F 59 -1.29 9.38 13.06
N GLN F 60 -0.32 10.20 12.70
CA GLN F 60 -0.61 11.40 11.94
C GLN F 60 0.07 11.33 10.58
N ILE F 61 -0.71 11.51 9.54
CA ILE F 61 -0.18 11.47 8.20
C ILE F 61 -0.30 12.86 7.57
N LYS F 62 0.82 13.45 7.22
CA LYS F 62 0.79 14.65 6.39
C LYS F 62 0.82 14.23 4.93
N CYS F 63 -0.03 14.85 4.11
CA CYS F 63 -0.17 14.46 2.70
C CYS F 63 -0.85 15.51 1.87
N MET F 64 -0.76 15.34 0.54
CA MET F 64 -1.55 16.12 -0.43
C MET F 64 -2.97 15.57 -0.52
N THR F 65 -3.95 16.49 -0.53
CA THR F 65 -5.36 16.12 -0.64
C THR F 65 -5.55 15.23 -1.86
N THR F 66 -4.88 15.59 -2.94
CA THR F 66 -4.98 14.81 -4.18
C THR F 66 -4.50 13.36 -4.09
N ASP F 67 -3.79 13.01 -3.01
CA ASP F 67 -3.27 11.65 -2.83
C ASP F 67 -4.14 10.87 -1.86
N TYR F 68 -5.29 11.43 -1.52
CA TYR F 68 -6.11 10.89 -0.45
C TYR F 68 -6.64 9.49 -0.78
N PRO F 69 -7.24 9.33 -1.97
CA PRO F 69 -7.87 8.03 -2.24
C PRO F 69 -6.87 6.89 -2.16
N ALA F 70 -5.64 7.16 -2.57
CA ALA F 70 -4.58 6.15 -2.55
C ALA F 70 -4.19 5.77 -1.12
N ILE F 71 -3.94 6.79 -0.30
CA ILE F 71 -3.64 6.59 1.10
C ILE F 71 -4.75 5.79 1.78
N GLU F 72 -5.99 6.16 1.51
CA GLU F 72 -7.13 5.41 2.03
C GLU F 72 -7.15 3.95 1.62
N GLN F 73 -6.96 3.67 0.34
CA GLN F 73 -6.96 2.29 -0.11
C GLN F 73 -6.13 1.44 0.86
N LEU F 74 -5.03 2.01 1.32
CA LEU F 74 -3.77 1.35 1.33
C LEU F 74 -3.74 1.06 2.80
N VAL F 75 -4.12 2.08 3.55
CA VAL F 75 -4.25 1.98 4.99
C VAL F 75 -5.38 1.01 5.33
N ILE F 76 -6.55 1.21 4.75
CA ILE F 76 -7.68 0.36 5.13
C ILE F 76 -7.47 -1.11 4.81
N THR F 77 -6.88 -1.41 3.66
CA THR F 77 -6.62 -2.79 3.24
C THR F 77 -5.62 -3.45 4.18
N MET F 78 -4.67 -2.66 4.64
CA MET F 78 -3.62 -3.17 5.49
C MET F 78 -4.05 -3.24 6.93
N HIS F 79 -5.11 -2.50 7.28
CA HIS F 79 -5.60 -2.49 8.66
C HIS F 79 -6.44 -3.74 8.96
N PRO F 80 -6.12 -4.41 10.08
CA PRO F 80 -6.78 -5.62 10.57
C PRO F 80 -8.31 -5.49 10.69
N TYR F 81 -8.76 -4.46 11.39
CA TYR F 81 -10.19 -4.14 11.45
C TYR F 81 -10.65 -3.74 10.07
N GLU F 82 -11.95 -3.83 9.82
CA GLU F 82 -12.55 -3.00 8.79
C GLU F 82 -13.43 -2.00 9.51
N VAL F 83 -13.71 -0.88 8.91
CA VAL F 83 -13.75 0.38 9.66
C VAL F 83 -12.78 0.77 10.74
N PRO F 84 -11.56 1.09 10.38
CA PRO F 84 -10.67 1.80 11.31
C PRO F 84 -10.98 3.28 11.56
N GLU F 85 -10.49 3.83 12.68
CA GLU F 85 -10.26 5.28 12.79
C GLU F 85 -9.49 5.81 11.58
N PHE F 86 -10.17 6.53 10.69
CA PHE F 86 -9.50 7.21 9.58
C PHE F 86 -10.26 8.49 9.23
N ILE F 87 -9.70 9.63 9.66
CA ILE F 87 -10.34 10.92 9.51
C ILE F 87 -9.30 11.93 9.05
N ALA F 88 -9.75 12.89 8.25
CA ALA F 88 -8.90 13.95 7.75
C ALA F 88 -9.35 15.33 8.25
N THR F 89 -8.37 16.19 8.50
CA THR F 89 -8.61 17.61 8.85
C THR F 89 -7.76 18.48 7.95
N PRO F 90 -8.19 19.73 7.70
CA PRO F 90 -7.52 20.58 6.71
C PRO F 90 -6.20 21.17 7.23
N ILE F 91 -5.17 21.12 6.39
CA ILE F 91 -4.03 21.98 6.58
C ILE F 91 -4.31 23.26 5.83
N ILE F 92 -4.09 24.36 6.51
CA ILE F 92 -4.72 25.64 6.16
C ILE F 92 -3.59 26.64 5.87
N GLY F 93 -2.37 26.25 6.25
CA GLY F 93 -1.19 27.09 6.15
C GLY F 93 -0.07 26.41 6.92
N GLY F 94 1.08 27.07 7.03
CA GLY F 94 2.28 26.46 7.59
C GLY F 94 3.49 26.98 6.87
N PHE F 95 4.67 26.48 7.22
CA PHE F 95 5.90 26.99 6.66
C PHE F 95 6.01 26.66 5.16
N GLY F 96 6.13 27.68 4.33
CA GLY F 96 6.08 27.49 2.88
C GLY F 96 6.86 26.28 2.39
N PRO F 97 8.18 26.25 2.69
CA PRO F 97 9.06 25.19 2.23
C PRO F 97 8.69 23.79 2.72
N TYR F 98 8.10 23.65 3.89
CA TYR F 98 7.64 22.37 4.36
C TYR F 98 6.49 21.89 3.52
N LEU F 99 5.76 22.83 3.00
CA LEU F 99 4.49 22.57 2.43
C LEU F 99 4.71 22.28 0.99
N GLN F 100 5.62 23.01 0.38
CA GLN F 100 6.27 22.66 -0.86
C GLN F 100 6.89 21.30 -0.88
N TRP F 101 7.65 20.99 0.13
CA TRP F 101 8.22 19.66 0.28
C TRP F 101 7.21 18.56 0.25
N ILE F 102 6.16 18.66 1.07
CA ILE F 102 5.04 17.73 1.03
C ILE F 102 4.53 17.54 -0.38
N LYS F 103 4.43 18.64 -1.13
CA LYS F 103 3.97 18.64 -2.52
C LYS F 103 4.98 18.04 -3.51
N ASP F 104 6.24 18.47 -3.45
CA ASP F 104 7.25 18.01 -4.40
C ASP F 104 7.57 16.52 -4.21
N ASN F 105 7.21 16.01 -3.05
CA ASN F 105 7.59 14.67 -2.67
C ASN F 105 6.53 13.71 -3.16
N SER F 106 5.28 14.18 -3.20
CA SER F 106 4.15 13.42 -3.74
C SER F 106 4.40 13.00 -5.21
N PRO F 107 3.76 11.90 -5.63
CA PRO F 107 3.85 11.46 -7.02
C PRO F 107 2.76 12.08 -7.89
N SER F 108 2.80 13.40 -8.07
CA SER F 108 1.92 14.07 -9.05
C SER F 108 2.63 15.20 -9.79
#